data_2I1S
#
_entry.id   2I1S
#
_cell.length_a   62.421
_cell.length_b   90.577
_cell.length_c   107.978
_cell.angle_alpha   90.00
_cell.angle_beta   90.00
_cell.angle_gamma   90.00
#
_symmetry.space_group_name_H-M   'P 21 21 21'
#
loop_
_entity.id
_entity.type
_entity.pdbx_description
1 polymer 'Hypothetical protein'
2 water water
#
_entity_poly.entity_id   1
_entity_poly.type   'polypeptide(L)'
_entity_poly.pdbx_seq_one_letter_code
;MKKTFEKVYHLKLSIKGITPQIWRRIQVPENYTFLDLHKAIQAVMDWEDYHLHEFEMVNPKTGMLDKIGAEGDDFDAFGG
PLVSEKKAKLSDYFTLENKEALYTYDFGDNWQVKVRLEKILPRKEGVEYPICTAGKRAAVPEDSGGVWGYEEMLEVLKDS
EHEEYEDTVLWLGDDFDPEYFDPKDVSF
;
_entity_poly.pdbx_strand_id   A,B
#
# COMPACT_ATOMS: atom_id res chain seq x y z
N THR A 4 -16.72 -23.72 17.55
CA THR A 4 -15.46 -23.28 18.28
C THR A 4 -15.52 -21.83 18.84
N PHE A 5 -16.63 -21.13 18.52
CA PHE A 5 -17.06 -19.91 19.24
C PHE A 5 -18.59 -19.88 19.29
N GLU A 6 -19.14 -19.20 20.30
CA GLU A 6 -20.59 -19.07 20.45
C GLU A 6 -21.07 -17.68 20.02
N LYS A 7 -20.48 -16.63 20.60
CA LYS A 7 -20.95 -15.24 20.38
C LYS A 7 -20.20 -14.48 19.26
N VAL A 8 -20.87 -13.47 18.69
CA VAL A 8 -20.22 -12.54 17.79
C VAL A 8 -20.25 -11.06 18.28
N TYR A 9 -19.14 -10.37 18.06
CA TYR A 9 -19.03 -8.94 18.40
C TYR A 9 -19.49 -8.09 17.20
N HIS A 10 -20.53 -7.28 17.40
CA HIS A 10 -20.97 -6.27 16.43
C HIS A 10 -20.19 -4.96 16.66
N LEU A 11 -19.29 -4.67 15.70
CA LEU A 11 -18.32 -3.58 15.82
C LEU A 11 -18.67 -2.47 14.88
N LYS A 12 -18.59 -1.21 15.30
CA LYS A 12 -18.54 -0.13 14.31
C LYS A 12 -17.11 0.32 14.16
N LEU A 13 -16.72 0.57 12.91
CA LEU A 13 -15.39 1.06 12.54
C LEU A 13 -15.55 2.39 11.83
N SER A 14 -14.94 3.45 12.37
N SER A 14 -14.90 3.43 12.35
CA SER A 14 -15.04 4.76 11.74
CA SER A 14 -15.05 4.76 11.80
C SER A 14 -13.67 5.39 11.52
C SER A 14 -13.69 5.42 11.53
N ILE A 15 -13.46 5.88 10.30
CA ILE A 15 -12.27 6.66 10.02
C ILE A 15 -12.44 8.01 10.76
N LYS A 16 -11.50 8.30 11.66
CA LYS A 16 -11.44 9.63 12.31
C LYS A 16 -10.99 10.78 11.43
N GLY A 17 -11.59 11.94 11.68
CA GLY A 17 -11.17 13.21 11.10
C GLY A 17 -11.77 13.56 9.75
N ILE A 18 -12.56 12.69 9.16
CA ILE A 18 -13.19 13.04 7.87
C ILE A 18 -14.71 13.14 8.13
N THR A 19 -15.32 14.24 7.67
CA THR A 19 -16.77 14.38 7.70
C THR A 19 -17.27 14.72 6.28
N PRO A 20 -18.47 14.21 5.90
CA PRO A 20 -19.23 13.20 6.59
C PRO A 20 -18.42 11.94 6.95
N GLN A 21 -18.90 11.19 7.93
CA GLN A 21 -18.22 10.00 8.43
C GLN A 21 -18.13 8.80 7.46
N ILE A 22 -16.93 8.23 7.34
CA ILE A 22 -16.73 7.00 6.58
C ILE A 22 -16.75 5.89 7.65
N TRP A 23 -17.66 4.92 7.50
CA TRP A 23 -17.80 3.84 8.51
C TRP A 23 -18.26 2.55 7.88
N ARG A 24 -18.01 1.46 8.62
CA ARG A 24 -18.46 0.08 8.30
C ARG A 24 -18.94 -0.60 9.56
N ARG A 25 -19.93 -1.45 9.43
CA ARG A 25 -20.32 -2.28 10.57
C ARG A 25 -20.00 -3.73 10.22
N ILE A 26 -19.28 -4.41 11.08
CA ILE A 26 -18.93 -5.82 10.85
C ILE A 26 -19.24 -6.65 12.07
N GLN A 27 -19.47 -7.95 11.88
CA GLN A 27 -19.57 -8.87 13.03
C GLN A 27 -18.41 -9.88 13.01
N VAL A 28 -17.71 -10.01 14.13
CA VAL A 28 -16.56 -10.93 14.17
C VAL A 28 -16.71 -12.04 15.23
N PRO A 29 -16.12 -13.25 14.99
CA PRO A 29 -16.11 -14.25 16.04
C PRO A 29 -15.50 -13.69 17.32
N GLU A 30 -16.12 -14.04 18.45
CA GLU A 30 -15.65 -13.61 19.76
C GLU A 30 -14.21 -14.07 20.06
N ASN A 31 -13.78 -15.21 19.50
CA ASN A 31 -12.44 -15.74 19.78
C ASN A 31 -11.30 -15.15 18.92
N TYR A 32 -11.65 -14.11 18.18
CA TYR A 32 -10.73 -13.38 17.32
C TYR A 32 -9.60 -12.75 18.10
N THR A 33 -8.39 -12.82 17.52
CA THR A 33 -7.23 -12.12 18.04
C THR A 33 -7.26 -10.72 17.44
N PHE A 34 -6.38 -9.84 17.92
CA PHE A 34 -6.19 -8.55 17.27
C PHE A 34 -5.64 -8.65 15.85
N LEU A 35 -4.82 -9.68 15.55
CA LEU A 35 -4.34 -9.85 14.19
C LEU A 35 -5.52 -10.03 13.24
N ASP A 36 -6.40 -10.96 13.60
CA ASP A 36 -7.64 -11.25 12.90
C ASP A 36 -8.48 -10.00 12.63
N LEU A 37 -8.57 -9.13 13.64
CA LEU A 37 -9.27 -7.84 13.54
C LEU A 37 -8.55 -6.84 12.62
N HIS A 38 -7.22 -6.72 12.75
CA HIS A 38 -6.43 -5.94 11.79
C HIS A 38 -6.80 -6.33 10.38
N LYS A 39 -6.84 -7.62 10.09
CA LYS A 39 -7.19 -8.10 8.73
C LYS A 39 -8.62 -7.78 8.29
N ALA A 40 -9.54 -7.67 9.23
CA ALA A 40 -10.96 -7.39 8.90
C ALA A 40 -11.11 -5.89 8.57
N ILE A 41 -10.49 -5.06 9.40
CA ILE A 41 -10.26 -3.65 9.08
C ILE A 41 -9.63 -3.42 7.67
N GLN A 42 -8.55 -4.12 7.35
CA GLN A 42 -7.94 -3.96 6.02
C GLN A 42 -8.94 -4.26 4.92
N ALA A 43 -9.76 -5.28 5.15
CA ALA A 43 -10.75 -5.78 4.21
C ALA A 43 -11.87 -4.80 3.96
N VAL A 44 -12.46 -4.26 5.05
CA VAL A 44 -13.61 -3.34 4.93
C VAL A 44 -13.24 -1.99 4.36
N MET A 45 -11.97 -1.61 4.57
CA MET A 45 -11.40 -0.36 4.06
C MET A 45 -10.72 -0.48 2.72
N ASP A 46 -10.70 -1.68 2.15
CA ASP A 46 -10.03 -1.93 0.89
C ASP A 46 -8.56 -1.42 0.89
N TRP A 47 -7.89 -1.65 2.02
CA TRP A 47 -6.50 -1.34 2.17
C TRP A 47 -5.63 -2.55 1.75
N GLU A 48 -4.32 -2.34 1.67
CA GLU A 48 -3.43 -3.29 1.00
C GLU A 48 -2.38 -3.93 1.94
N ASP A 49 -2.45 -3.57 3.20
CA ASP A 49 -1.46 -3.95 4.22
C ASP A 49 0.01 -3.63 3.89
N TYR A 50 0.25 -2.41 3.44
CA TYR A 50 1.59 -2.00 2.99
C TYR A 50 2.40 -1.47 4.16
N HIS A 51 1.67 -0.99 5.19
CA HIS A 51 2.28 -0.13 6.18
C HIS A 51 2.18 -0.77 7.55
N LEU A 52 2.78 -0.11 8.55
CA LEU A 52 2.69 -0.51 9.93
C LEU A 52 1.31 -0.18 10.50
N HIS A 53 0.90 -0.95 11.50
CA HIS A 53 -0.32 -0.68 12.26
C HIS A 53 -0.16 -0.92 13.78
N GLU A 54 -1.08 -0.38 14.58
CA GLU A 54 -1.20 -0.79 15.98
C GLU A 54 -2.55 -0.39 16.54
N PHE A 55 -2.97 -1.11 17.58
CA PHE A 55 -4.13 -0.80 18.37
C PHE A 55 -3.66 -0.17 19.70
N GLU A 56 -4.45 0.79 20.19
CA GLU A 56 -4.36 1.30 21.55
C GLU A 56 -5.70 1.00 22.23
N MET A 57 -5.66 0.32 23.36
CA MET A 57 -6.91 0.01 24.11
C MET A 57 -6.61 -0.06 25.61
N VAL A 58 -7.53 0.45 26.43
CA VAL A 58 -7.53 0.16 27.88
C VAL A 58 -7.68 -1.35 28.17
N ASN A 59 -6.79 -1.88 29.01
CA ASN A 59 -6.87 -3.27 29.43
C ASN A 59 -7.81 -3.38 30.66
N PRO A 60 -8.94 -4.10 30.53
CA PRO A 60 -9.92 -4.17 31.63
C PRO A 60 -9.41 -4.79 32.91
N LYS A 61 -8.41 -5.68 32.83
CA LYS A 61 -7.80 -6.26 34.05
C LYS A 61 -6.86 -5.28 34.74
N THR A 62 -6.38 -4.25 34.03
CA THR A 62 -5.44 -3.29 34.63
C THR A 62 -5.90 -1.83 34.66
N GLY A 63 -6.81 -1.44 33.77
CA GLY A 63 -7.22 -0.03 33.67
C GLY A 63 -6.16 0.86 33.02
N MET A 64 -5.03 0.26 32.64
CA MET A 64 -3.94 0.91 31.86
C MET A 64 -4.22 0.78 30.37
N LEU A 65 -3.66 1.71 29.58
CA LEU A 65 -3.72 1.71 28.12
C LEU A 65 -2.63 0.80 27.55
N ASP A 66 -3.04 -0.30 26.92
CA ASP A 66 -2.11 -1.22 26.24
C ASP A 66 -1.93 -0.89 24.77
N LYS A 67 -0.70 -1.00 24.26
CA LYS A 67 -0.44 -0.95 22.84
C LYS A 67 -0.36 -2.38 22.31
N ILE A 68 -1.12 -2.67 21.24
CA ILE A 68 -1.16 -4.02 20.70
C ILE A 68 -0.79 -4.00 19.21
N GLY A 69 0.18 -4.81 18.80
CA GLY A 69 0.63 -4.79 17.42
C GLY A 69 1.53 -5.95 17.11
N ALA A 70 2.18 -5.88 15.94
CA ALA A 70 2.98 -7.00 15.46
C ALA A 70 4.10 -7.42 16.42
N GLU A 71 4.29 -8.73 16.51
CA GLU A 71 5.36 -9.31 17.31
C GLU A 71 6.74 -8.76 16.99
N GLY A 72 7.17 -7.85 17.85
CA GLY A 72 8.58 -7.50 18.02
C GLY A 72 8.97 -8.11 19.35
N ASP A 73 10.28 -8.19 19.61
CA ASP A 73 10.75 -8.76 20.88
C ASP A 73 10.79 -7.70 21.99
N PRO A 81 6.50 -3.48 26.52
CA PRO A 81 5.55 -2.38 26.42
C PRO A 81 4.60 -2.56 25.22
N LEU A 82 4.87 -3.56 24.40
CA LEU A 82 3.99 -3.90 23.30
C LEU A 82 3.39 -5.28 23.53
N VAL A 83 2.06 -5.37 23.45
CA VAL A 83 1.30 -6.61 23.58
C VAL A 83 1.13 -7.22 22.18
N SER A 84 1.38 -8.52 22.06
CA SER A 84 1.35 -9.25 20.78
C SER A 84 -0.08 -9.48 20.31
N GLU A 85 -0.39 -8.96 19.14
CA GLU A 85 -1.71 -9.05 18.56
C GLU A 85 -2.08 -10.47 18.16
N LYS A 86 -1.09 -11.32 17.90
CA LYS A 86 -1.35 -12.73 17.58
C LYS A 86 -1.85 -13.44 18.84
N LYS A 87 -1.39 -12.95 19.99
CA LYS A 87 -1.76 -13.47 21.32
C LYS A 87 -2.98 -12.80 21.96
N ALA A 88 -3.03 -11.47 21.91
CA ALA A 88 -4.13 -10.68 22.48
C ALA A 88 -5.46 -11.07 21.83
N LYS A 89 -6.42 -11.43 22.67
CA LYS A 89 -7.75 -11.85 22.21
C LYS A 89 -8.73 -10.68 22.40
N LEU A 90 -9.64 -10.47 21.44
CA LEU A 90 -10.67 -9.43 21.60
C LEU A 90 -11.45 -9.57 22.90
N SER A 91 -11.79 -10.84 23.21
CA SER A 91 -12.56 -11.25 24.39
C SER A 91 -11.86 -10.97 25.73
N ASP A 92 -10.57 -10.70 25.69
CA ASP A 92 -9.84 -10.27 26.88
C ASP A 92 -9.90 -8.76 27.12
N TYR A 93 -10.31 -8.01 26.08
CA TYR A 93 -10.32 -6.55 26.12
C TYR A 93 -11.69 -5.89 25.99
N PHE A 94 -12.44 -6.26 24.95
CA PHE A 94 -13.76 -5.69 24.70
C PHE A 94 -14.81 -6.27 25.64
N THR A 95 -15.49 -5.38 26.34
CA THR A 95 -16.68 -5.74 27.09
C THR A 95 -17.65 -4.58 26.86
N LEU A 96 -18.83 -4.68 27.48
CA LEU A 96 -19.83 -3.63 27.36
C LEU A 96 -19.50 -2.36 28.19
N GLU A 97 -18.71 -2.46 29.26
CA GLU A 97 -18.12 -1.23 29.83
C GLU A 97 -16.63 -1.00 29.49
N ASN A 98 -16.18 -1.59 28.38
CA ASN A 98 -14.87 -1.25 27.81
C ASN A 98 -14.96 -1.53 26.32
N LYS A 99 -15.64 -0.63 25.61
CA LYS A 99 -16.15 -0.93 24.28
C LYS A 99 -15.35 -0.40 23.08
N GLU A 100 -14.35 0.45 23.35
CA GLU A 100 -13.63 1.17 22.30
C GLU A 100 -12.10 0.92 22.21
N ALA A 101 -11.58 0.84 20.98
CA ALA A 101 -10.14 0.76 20.69
C ALA A 101 -9.81 1.83 19.68
N LEU A 102 -8.56 2.25 19.65
CA LEU A 102 -8.04 3.02 18.52
C LEU A 102 -7.04 2.20 17.67
N TYR A 103 -7.30 2.15 16.37
CA TYR A 103 -6.43 1.48 15.40
C TYR A 103 -5.75 2.51 14.52
N THR A 104 -4.44 2.51 14.51
CA THR A 104 -3.66 3.33 13.59
C THR A 104 -3.01 2.44 12.51
N TYR A 105 -3.14 2.86 11.26
CA TYR A 105 -2.55 2.18 10.13
C TYR A 105 -1.85 3.25 9.27
N ASP A 106 -0.58 2.99 8.91
CA ASP A 106 0.25 3.92 8.13
C ASP A 106 0.74 5.01 9.04
N PHE A 107 1.98 4.89 9.51
CA PHE A 107 2.57 5.83 10.44
C PHE A 107 3.05 7.11 9.76
N GLY A 108 2.91 7.17 8.43
CA GLY A 108 3.12 8.42 7.68
C GLY A 108 1.82 9.20 7.49
N ASP A 109 0.87 8.60 6.79
CA ASP A 109 -0.45 9.21 6.61
C ASP A 109 -1.28 9.26 7.90
N ASN A 110 -1.03 8.33 8.82
CA ASN A 110 -1.62 8.32 10.18
C ASN A 110 -3.15 8.14 10.11
N TRP A 111 -3.58 7.08 9.44
CA TRP A 111 -5.00 6.75 9.42
C TRP A 111 -5.39 6.17 10.74
N GLN A 112 -6.52 6.64 11.27
CA GLN A 112 -7.03 6.14 12.55
C GLN A 112 -8.44 5.67 12.41
N VAL A 113 -8.67 4.46 12.84
CA VAL A 113 -9.99 3.89 12.82
C VAL A 113 -10.45 3.71 14.27
N LYS A 114 -11.61 4.29 14.62
CA LYS A 114 -12.25 4.03 15.92
C LYS A 114 -12.96 2.70 15.84
N VAL A 115 -12.76 1.88 16.85
CA VAL A 115 -13.42 0.56 16.87
C VAL A 115 -14.31 0.59 18.11
N ARG A 116 -15.60 0.45 17.91
CA ARG A 116 -16.55 0.46 19.00
C ARG A 116 -17.38 -0.82 18.97
N LEU A 117 -17.32 -1.57 20.06
CA LEU A 117 -18.28 -2.66 20.33
C LEU A 117 -19.69 -2.14 20.62
N GLU A 118 -20.67 -2.50 19.78
CA GLU A 118 -22.05 -2.11 20.05
C GLU A 118 -22.86 -3.22 20.71
N LYS A 119 -22.66 -4.46 20.26
CA LYS A 119 -23.45 -5.61 20.74
C LYS A 119 -22.62 -6.89 20.71
N ILE A 120 -22.80 -7.71 21.73
CA ILE A 120 -22.30 -9.08 21.78
C ILE A 120 -23.53 -9.98 21.64
N LEU A 121 -23.60 -10.81 20.61
CA LEU A 121 -24.79 -11.67 20.39
C LEU A 121 -24.43 -13.11 19.99
N PRO A 122 -25.33 -14.10 20.27
CA PRO A 122 -25.03 -15.46 19.80
C PRO A 122 -24.89 -15.47 18.28
N ARG A 123 -23.97 -16.27 17.75
CA ARG A 123 -23.77 -16.36 16.31
C ARG A 123 -24.99 -17.00 15.62
N LYS A 124 -25.20 -16.65 14.37
CA LYS A 124 -26.38 -17.10 13.66
C LYS A 124 -26.04 -18.37 12.89
N GLU A 125 -26.96 -19.33 12.92
CA GLU A 125 -26.78 -20.63 12.26
C GLU A 125 -26.59 -20.51 10.75
N GLY A 126 -25.47 -21.05 10.25
CA GLY A 126 -25.21 -21.11 8.82
C GLY A 126 -24.47 -19.89 8.25
N VAL A 127 -24.37 -18.82 9.05
CA VAL A 127 -23.73 -17.57 8.67
C VAL A 127 -22.23 -17.75 8.80
N GLU A 128 -21.49 -17.30 7.80
CA GLU A 128 -20.03 -17.38 7.84
C GLU A 128 -19.45 -16.03 8.28
N TYR A 129 -18.86 -16.01 9.47
CA TYR A 129 -18.26 -14.79 10.02
C TYR A 129 -16.77 -14.72 9.66
N PRO A 130 -16.20 -13.51 9.53
CA PRO A 130 -16.81 -12.19 9.69
C PRO A 130 -17.75 -11.79 8.57
N ILE A 131 -18.65 -10.87 8.86
CA ILE A 131 -19.53 -10.28 7.85
C ILE A 131 -19.54 -8.76 7.92
N CYS A 132 -19.86 -8.12 6.81
CA CYS A 132 -20.06 -6.67 6.81
C CYS A 132 -21.52 -6.42 6.55
N THR A 133 -22.18 -5.80 7.52
CA THR A 133 -23.61 -5.61 7.39
C THR A 133 -24.04 -4.29 6.74
N ALA A 134 -23.19 -3.25 6.84
CA ALA A 134 -23.52 -1.88 6.45
C ALA A 134 -22.27 -0.99 6.44
N GLY A 135 -22.35 0.12 5.73
CA GLY A 135 -21.24 1.09 5.68
C GLY A 135 -21.66 2.34 4.96
N LYS A 136 -20.89 3.41 5.09
CA LYS A 136 -21.16 4.60 4.31
C LYS A 136 -19.82 5.14 3.82
N ARG A 137 -19.78 5.55 2.54
CA ARG A 137 -18.72 6.31 1.89
C ARG A 137 -17.59 5.40 1.41
N ALA A 138 -16.90 5.84 0.37
CA ALA A 138 -15.65 5.18 -0.03
C ALA A 138 -14.57 5.32 1.06
N ALA A 139 -13.88 4.22 1.34
CA ALA A 139 -12.68 4.23 2.15
C ALA A 139 -11.58 5.14 1.55
N VAL A 140 -10.75 5.71 2.41
CA VAL A 140 -9.66 6.57 1.91
C VAL A 140 -8.68 5.66 1.15
N PRO A 141 -8.26 6.09 -0.06
CA PRO A 141 -7.28 5.25 -0.77
C PRO A 141 -5.95 5.23 -0.03
N GLU A 142 -5.18 4.15 -0.27
CA GLU A 142 -3.86 4.07 0.26
C GLU A 142 -3.05 5.30 -0.20
N ASP A 143 -2.23 5.86 0.71
CA ASP A 143 -1.16 6.80 0.39
C ASP A 143 -1.67 8.20 0.00
N SER A 144 -2.95 8.44 0.29
CA SER A 144 -3.65 9.65 -0.19
C SER A 144 -3.37 10.92 0.64
N GLY A 145 -2.42 10.85 1.57
CA GLY A 145 -1.95 12.03 2.31
C GLY A 145 -2.60 12.28 3.68
N GLY A 146 -3.34 11.30 4.23
CA GLY A 146 -3.90 11.44 5.55
C GLY A 146 -5.25 12.14 5.41
N VAL A 147 -5.88 12.51 6.52
CA VAL A 147 -7.22 13.07 6.40
C VAL A 147 -7.14 14.39 5.62
N TRP A 148 -6.08 15.15 5.89
CA TRP A 148 -5.86 16.41 5.21
C TRP A 148 -5.67 16.23 3.70
N GLY A 149 -4.76 15.34 3.31
CA GLY A 149 -4.55 15.04 1.90
C GLY A 149 -5.80 14.58 1.14
N TYR A 150 -6.54 13.64 1.73
CA TYR A 150 -7.77 13.15 1.13
C TYR A 150 -8.86 14.24 1.01
N GLU A 151 -9.13 14.99 2.06
CA GLU A 151 -10.11 16.07 1.96
C GLU A 151 -9.71 17.14 0.91
N GLU A 152 -8.42 17.47 0.81
CA GLU A 152 -7.96 18.41 -0.23
C GLU A 152 -8.29 17.91 -1.64
N MET A 153 -7.96 16.66 -1.95
CA MET A 153 -8.41 16.02 -3.20
C MET A 153 -9.94 16.13 -3.43
N LEU A 154 -10.77 15.84 -2.43
CA LEU A 154 -12.24 15.93 -2.56
C LEU A 154 -12.72 17.34 -2.83
N GLU A 155 -12.03 18.33 -2.27
CA GLU A 155 -12.33 19.76 -2.48
C GLU A 155 -12.05 20.15 -3.93
N VAL A 156 -10.85 19.81 -4.41
CA VAL A 156 -10.51 19.85 -5.83
C VAL A 156 -11.59 19.23 -6.73
N LEU A 157 -12.12 18.06 -6.35
CA LEU A 157 -13.07 17.35 -7.20
C LEU A 157 -14.35 18.14 -7.49
N LYS A 158 -14.70 19.03 -6.57
CA LYS A 158 -15.90 19.87 -6.64
C LYS A 158 -15.80 21.00 -7.66
N ASP A 159 -14.65 21.09 -8.33
CA ASP A 159 -14.33 22.20 -9.22
C ASP A 159 -13.51 21.72 -10.41
N SER A 160 -14.19 21.27 -11.46
CA SER A 160 -13.55 20.80 -12.68
C SER A 160 -12.71 21.87 -13.41
N GLU A 161 -12.71 23.07 -12.85
CA GLU A 161 -11.88 24.16 -13.37
C GLU A 161 -10.67 24.43 -12.47
N HIS A 162 -10.60 23.75 -11.33
CA HIS A 162 -9.41 23.79 -10.50
C HIS A 162 -8.15 23.47 -11.31
N GLU A 163 -7.05 24.14 -10.96
CA GLU A 163 -5.77 24.03 -11.66
C GLU A 163 -5.24 22.60 -11.57
N GLU A 164 -5.58 21.91 -10.48
CA GLU A 164 -5.11 20.55 -10.31
C GLU A 164 -6.24 19.53 -10.33
N TYR A 165 -7.37 19.91 -10.92
CA TYR A 165 -8.49 19.00 -11.07
C TYR A 165 -8.10 17.74 -11.83
N GLU A 166 -7.46 17.91 -13.00
CA GLU A 166 -7.10 16.79 -13.88
C GLU A 166 -6.06 15.85 -13.26
N ASP A 167 -5.15 16.43 -12.48
CA ASP A 167 -4.16 15.67 -11.73
C ASP A 167 -4.80 14.88 -10.61
N THR A 168 -5.86 15.41 -10.03
CA THR A 168 -6.56 14.76 -8.92
C THR A 168 -7.35 13.57 -9.47
N VAL A 169 -8.05 13.75 -10.58
CA VAL A 169 -8.77 12.69 -11.29
C VAL A 169 -7.85 11.55 -11.66
N LEU A 170 -6.65 11.89 -12.17
CA LEU A 170 -5.66 10.91 -12.56
C LEU A 170 -5.20 10.11 -11.34
N TRP A 171 -5.02 10.82 -10.22
CA TRP A 171 -4.54 10.30 -8.95
C TRP A 171 -5.54 9.26 -8.39
N LEU A 172 -6.82 9.65 -8.33
CA LEU A 172 -7.87 8.83 -7.73
C LEU A 172 -8.51 7.88 -8.72
N GLY A 173 -8.32 8.15 -10.01
CA GLY A 173 -8.90 7.32 -11.07
C GLY A 173 -10.24 7.83 -11.60
N ASP A 174 -10.53 7.49 -12.85
CA ASP A 174 -11.76 7.93 -13.53
C ASP A 174 -13.01 7.62 -12.77
N ASP A 175 -13.09 6.37 -12.31
CA ASP A 175 -14.30 5.78 -11.75
C ASP A 175 -14.49 6.07 -10.26
N PHE A 176 -13.55 6.79 -9.65
CA PHE A 176 -13.63 7.03 -8.22
C PHE A 176 -14.88 7.84 -7.87
N ASP A 177 -15.61 7.36 -6.87
CA ASP A 177 -16.85 7.99 -6.34
C ASP A 177 -16.70 8.01 -4.81
N PRO A 178 -16.44 9.20 -4.22
CA PRO A 178 -16.28 9.30 -2.75
C PRO A 178 -17.45 8.74 -1.92
N GLU A 179 -18.65 8.62 -2.52
CA GLU A 179 -19.85 8.14 -1.79
C GLU A 179 -20.23 6.70 -2.06
N TYR A 180 -19.44 6.01 -2.87
CA TYR A 180 -19.78 4.63 -3.21
C TYR A 180 -19.27 3.64 -2.18
N PHE A 181 -20.19 2.86 -1.60
CA PHE A 181 -19.82 1.70 -0.83
C PHE A 181 -20.95 0.68 -0.95
N ASP A 182 -20.61 -0.60 -0.98
CA ASP A 182 -21.58 -1.67 -1.01
C ASP A 182 -21.01 -2.75 -0.08
N PRO A 183 -21.73 -3.09 1.01
CA PRO A 183 -21.15 -4.08 1.93
C PRO A 183 -20.83 -5.45 1.33
N LYS A 184 -21.46 -5.79 0.21
CA LYS A 184 -21.24 -7.04 -0.51
C LYS A 184 -19.97 -7.05 -1.38
N ASP A 185 -19.30 -5.91 -1.49
CA ASP A 185 -17.98 -5.83 -2.15
C ASP A 185 -16.84 -6.28 -1.23
N VAL A 186 -17.07 -6.25 0.08
CA VAL A 186 -16.05 -6.60 1.06
C VAL A 186 -15.77 -8.10 1.06
N SER A 187 -14.49 -8.45 1.03
CA SER A 187 -14.09 -9.84 1.02
C SER A 187 -13.12 -10.12 2.19
N PHE A 188 -13.52 -10.99 3.11
CA PHE A 188 -12.71 -11.22 4.30
C PHE A 188 -11.68 -12.33 4.18
N LYS B 2 1.90 -5.25 -30.51
CA LYS B 2 2.08 -4.98 -29.05
C LYS B 2 1.51 -3.61 -28.60
N LYS B 3 1.00 -2.86 -29.57
CA LYS B 3 0.09 -1.73 -29.40
C LYS B 3 -1.31 -2.36 -29.22
N THR B 4 -1.36 -3.68 -29.33
CA THR B 4 -2.57 -4.50 -29.24
C THR B 4 -2.69 -5.13 -27.84
N PHE B 5 -3.62 -4.60 -27.05
CA PHE B 5 -4.01 -5.17 -25.74
C PHE B 5 -5.39 -4.60 -25.28
N GLU B 6 -6.08 -5.37 -24.44
CA GLU B 6 -7.38 -5.03 -23.89
C GLU B 6 -7.30 -4.41 -22.50
N LYS B 7 -6.33 -4.85 -21.69
CA LYS B 7 -6.29 -4.45 -20.28
C LYS B 7 -4.99 -3.79 -19.89
N VAL B 8 -5.06 -2.95 -18.86
CA VAL B 8 -3.88 -2.45 -18.21
C VAL B 8 -3.83 -2.90 -16.73
N TYR B 9 -2.59 -3.07 -16.23
CA TYR B 9 -2.28 -3.36 -14.83
C TYR B 9 -1.93 -2.10 -14.03
N HIS B 10 -2.65 -1.87 -12.94
CA HIS B 10 -2.39 -0.73 -12.07
C HIS B 10 -1.42 -1.19 -10.97
N LEU B 11 -0.18 -0.69 -11.02
CA LEU B 11 0.88 -1.22 -10.18
C LEU B 11 1.34 -0.18 -9.20
N LYS B 12 1.62 -0.59 -7.96
CA LYS B 12 2.33 0.27 -7.05
C LYS B 12 3.78 -0.23 -6.96
N LEU B 13 4.73 0.70 -7.09
CA LEU B 13 6.15 0.43 -6.97
C LEU B 13 6.68 1.17 -5.75
N SER B 14 7.32 0.42 -4.84
CA SER B 14 7.77 0.93 -3.52
C SER B 14 9.25 0.62 -3.28
N ILE B 15 10.06 1.64 -3.04
CA ILE B 15 11.44 1.38 -2.58
C ILE B 15 11.37 0.76 -1.20
N LYS B 16 11.99 -0.39 -1.07
CA LYS B 16 11.98 -1.10 0.17
C LYS B 16 13.06 -0.53 1.08
N GLY B 17 12.71 -0.33 2.35
CA GLY B 17 13.67 -0.04 3.38
C GLY B 17 13.75 1.41 3.76
N ILE B 18 13.11 2.29 3.02
CA ILE B 18 13.14 3.72 3.35
C ILE B 18 11.77 4.18 3.84
N THR B 19 11.77 4.92 4.96
CA THR B 19 10.57 5.57 5.51
C THR B 19 10.82 7.10 5.71
N PRO B 20 9.79 7.95 5.47
CA PRO B 20 8.51 7.59 4.85
C PRO B 20 8.74 6.98 3.45
N GLN B 21 7.71 6.37 2.91
CA GLN B 21 7.83 5.56 1.74
C GLN B 21 8.03 6.37 0.48
N ILE B 22 8.94 5.90 -0.38
CA ILE B 22 9.08 6.43 -1.72
C ILE B 22 8.30 5.51 -2.65
N TRP B 23 7.30 6.01 -3.37
CA TRP B 23 6.48 5.14 -4.20
C TRP B 23 5.94 5.89 -5.42
N ARG B 24 5.54 5.10 -6.42
CA ARG B 24 4.96 5.55 -7.69
C ARG B 24 3.82 4.58 -8.00
N ARG B 25 2.79 5.06 -8.66
CA ARG B 25 1.74 4.19 -9.23
C ARG B 25 1.79 4.37 -10.75
N ILE B 26 1.90 3.28 -11.49
CA ILE B 26 1.94 3.34 -12.95
C ILE B 26 0.90 2.36 -13.47
N GLN B 27 0.34 2.62 -14.67
CA GLN B 27 -0.48 1.67 -15.42
C GLN B 27 0.30 1.17 -16.64
N VAL B 28 0.41 -0.14 -16.79
CA VAL B 28 1.16 -0.72 -17.90
C VAL B 28 0.26 -1.68 -18.69
N PRO B 29 0.56 -1.84 -20.00
CA PRO B 29 -0.13 -2.83 -20.81
C PRO B 29 -0.03 -4.22 -20.14
N GLU B 30 -1.13 -4.96 -20.22
CA GLU B 30 -1.21 -6.32 -19.75
C GLU B 30 -0.22 -7.27 -20.43
N ASN B 31 0.13 -6.99 -21.68
CA ASN B 31 1.06 -7.82 -22.43
C ASN B 31 2.53 -7.35 -22.37
N TYR B 32 2.82 -6.47 -21.42
CA TYR B 32 4.18 -6.07 -21.16
C TYR B 32 5.09 -7.26 -20.83
N THR B 33 6.34 -7.21 -21.28
CA THR B 33 7.29 -8.19 -20.84
C THR B 33 7.92 -7.65 -19.53
N PHE B 34 8.70 -8.47 -18.84
CA PHE B 34 9.45 -7.98 -17.68
C PHE B 34 10.50 -6.95 -18.00
N LEU B 35 11.09 -7.03 -19.19
CA LEU B 35 12.04 -6.01 -19.67
C LEU B 35 11.34 -4.65 -19.84
N ASP B 36 10.23 -4.63 -20.57
CA ASP B 36 9.32 -3.47 -20.60
C ASP B 36 9.04 -2.89 -19.21
N LEU B 37 8.73 -3.76 -18.24
CA LEU B 37 8.47 -3.33 -16.84
C LEU B 37 9.72 -2.75 -16.18
N HIS B 38 10.86 -3.43 -16.32
CA HIS B 38 12.16 -2.88 -15.94
C HIS B 38 12.37 -1.43 -16.38
N LYS B 39 12.17 -1.18 -17.66
CA LYS B 39 12.28 0.11 -18.27
C LYS B 39 11.33 1.11 -17.67
N ALA B 40 10.11 0.69 -17.32
CA ALA B 40 9.13 1.59 -16.69
C ALA B 40 9.55 1.96 -15.29
N ILE B 41 10.08 0.99 -14.55
CA ILE B 41 10.63 1.25 -13.21
C ILE B 41 11.81 2.25 -13.22
N GLN B 42 12.77 2.04 -14.12
CA GLN B 42 13.88 2.98 -14.32
C GLN B 42 13.41 4.40 -14.54
N ALA B 43 12.39 4.56 -15.37
CA ALA B 43 11.89 5.86 -15.75
C ALA B 43 11.18 6.60 -14.55
N VAL B 44 10.31 5.91 -13.81
CA VAL B 44 9.66 6.53 -12.61
C VAL B 44 10.61 6.81 -11.45
N MET B 45 11.63 5.97 -11.32
CA MET B 45 12.72 6.16 -10.34
C MET B 45 13.81 7.14 -10.84
N ASP B 46 13.65 7.61 -12.06
CA ASP B 46 14.63 8.50 -12.64
C ASP B 46 16.06 7.87 -12.64
N TRP B 47 16.14 6.54 -12.84
CA TRP B 47 17.43 5.85 -12.79
C TRP B 47 18.03 5.82 -14.19
N GLU B 48 19.28 5.40 -14.30
CA GLU B 48 20.00 5.51 -15.58
C GLU B 48 20.23 4.14 -16.29
N ASP B 49 19.73 3.06 -15.69
CA ASP B 49 20.02 1.70 -16.20
C ASP B 49 21.55 1.46 -16.37
N TYR B 50 22.31 1.84 -15.35
CA TYR B 50 23.76 1.66 -15.32
C TYR B 50 24.14 0.30 -14.85
N HIS B 51 23.21 -0.42 -14.20
CA HIS B 51 23.58 -1.58 -13.39
C HIS B 51 22.78 -2.80 -13.78
N LEU B 52 23.05 -3.90 -13.11
CA LEU B 52 22.30 -5.13 -13.30
C LEU B 52 20.94 -5.11 -12.59
N HIS B 53 19.97 -5.84 -13.13
CA HIS B 53 18.68 -6.00 -12.44
C HIS B 53 18.17 -7.46 -12.53
N GLU B 54 17.34 -7.83 -11.56
CA GLU B 54 16.45 -8.99 -11.74
C GLU B 54 15.12 -8.83 -10.99
N PHE B 55 14.15 -9.59 -11.43
CA PHE B 55 12.90 -9.81 -10.74
C PHE B 55 12.91 -11.19 -10.12
N GLU B 56 12.29 -11.28 -8.93
CA GLU B 56 11.88 -12.53 -8.35
C GLU B 56 10.38 -12.53 -8.05
N MET B 57 9.69 -13.55 -8.56
CA MET B 57 8.26 -13.73 -8.21
C MET B 57 7.74 -15.15 -8.33
N VAL B 58 6.66 -15.44 -7.60
CA VAL B 58 6.03 -16.76 -7.68
C VAL B 58 5.44 -16.94 -9.09
N ASN B 59 5.74 -18.11 -9.67
CA ASN B 59 5.11 -18.57 -10.89
C ASN B 59 3.77 -19.18 -10.56
N PRO B 60 2.65 -18.59 -11.04
CA PRO B 60 1.33 -19.16 -10.64
C PRO B 60 1.16 -20.61 -11.07
N LYS B 61 1.91 -21.03 -12.09
CA LYS B 61 1.78 -22.40 -12.59
C LYS B 61 2.47 -23.43 -11.67
N THR B 62 3.45 -23.00 -10.88
CA THR B 62 4.24 -23.94 -10.08
C THR B 62 4.17 -23.65 -8.58
N GLY B 63 3.74 -22.47 -8.18
CA GLY B 63 3.79 -22.13 -6.74
C GLY B 63 5.21 -21.84 -6.25
N MET B 64 6.19 -21.91 -7.17
CA MET B 64 7.60 -21.65 -6.86
C MET B 64 8.12 -20.28 -7.38
N LEU B 65 9.10 -19.72 -6.67
CA LEU B 65 9.77 -18.46 -7.04
C LEU B 65 10.59 -18.62 -8.33
N ASP B 66 10.35 -17.76 -9.30
CA ASP B 66 11.17 -17.73 -10.48
C ASP B 66 12.09 -16.52 -10.38
N LYS B 67 13.29 -16.65 -10.91
CA LYS B 67 14.12 -15.48 -11.14
C LYS B 67 14.02 -15.06 -12.61
N ILE B 68 13.72 -13.78 -12.86
CA ILE B 68 13.51 -13.28 -14.22
C ILE B 68 14.49 -12.18 -14.50
N GLY B 69 15.21 -12.28 -15.61
CA GLY B 69 16.30 -11.31 -15.87
C GLY B 69 16.93 -11.58 -17.21
N ALA B 70 18.16 -11.08 -17.34
CA ALA B 70 18.91 -11.09 -18.62
C ALA B 70 18.89 -12.42 -19.37
N GLU B 71 18.73 -12.38 -20.68
CA GLU B 71 19.08 -13.53 -21.49
C GLU B 71 20.58 -13.76 -21.33
N GLY B 72 20.93 -14.89 -20.70
CA GLY B 72 22.31 -15.26 -20.39
C GLY B 72 22.58 -15.30 -18.88
N ASP B 73 22.46 -16.47 -18.24
CA ASP B 73 21.83 -17.71 -18.75
C ASP B 73 21.34 -18.56 -17.56
N ASP B 74 21.90 -18.28 -16.38
CA ASP B 74 21.65 -19.01 -15.13
C ASP B 74 22.10 -18.19 -13.90
N GLY B 79 24.16 -19.13 -9.15
CA GLY B 79 23.06 -18.94 -10.31
C GLY B 79 22.25 -20.24 -10.40
N GLY B 80 20.95 -20.11 -10.16
CA GLY B 80 19.97 -21.18 -10.49
C GLY B 80 19.43 -20.89 -11.89
N PRO B 81 18.30 -21.52 -12.26
CA PRO B 81 17.68 -21.22 -13.56
C PRO B 81 17.18 -19.76 -13.64
N LEU B 82 17.52 -19.08 -14.74
CA LEU B 82 17.05 -17.72 -14.96
C LEU B 82 16.03 -17.72 -16.10
N VAL B 83 14.82 -17.26 -15.83
CA VAL B 83 13.80 -17.06 -16.83
C VAL B 83 14.11 -15.77 -17.58
N SER B 84 14.00 -15.80 -18.90
CA SER B 84 14.31 -14.62 -19.70
C SER B 84 13.24 -13.53 -19.58
N GLU B 85 13.64 -12.31 -19.26
CA GLU B 85 12.71 -11.16 -19.16
C GLU B 85 12.17 -10.65 -20.49
N LYS B 86 12.82 -10.95 -21.60
CA LYS B 86 12.28 -10.60 -22.91
C LYS B 86 11.13 -11.51 -23.29
N LYS B 87 11.08 -12.72 -22.78
CA LYS B 87 10.00 -13.63 -23.15
C LYS B 87 8.86 -13.66 -22.13
N ALA B 88 9.16 -13.35 -20.88
CA ALA B 88 8.18 -13.51 -19.82
C ALA B 88 7.27 -12.31 -19.86
N LYS B 89 5.96 -12.53 -19.91
CA LYS B 89 4.98 -11.45 -19.94
C LYS B 89 4.43 -11.26 -18.55
N LEU B 90 4.05 -10.05 -18.20
CA LEU B 90 3.43 -9.84 -16.89
C LEU B 90 2.17 -10.72 -16.68
N SER B 91 1.41 -10.93 -17.76
N SER B 91 1.44 -10.94 -17.77
CA SER B 91 0.26 -11.82 -17.82
CA SER B 91 0.26 -11.80 -17.86
C SER B 91 0.50 -13.29 -17.40
C SER B 91 0.49 -13.29 -17.55
N ASP B 92 1.75 -13.71 -17.45
CA ASP B 92 2.05 -15.09 -17.14
C ASP B 92 2.23 -15.32 -15.66
N TYR B 93 2.42 -14.21 -14.94
CA TYR B 93 2.78 -14.16 -13.53
C TYR B 93 1.77 -13.42 -12.62
N PHE B 94 1.40 -12.19 -13.00
CA PHE B 94 0.52 -11.39 -12.16
C PHE B 94 -0.88 -11.85 -12.38
N THR B 95 -1.54 -12.22 -11.30
CA THR B 95 -2.99 -12.36 -11.27
C THR B 95 -3.43 -11.56 -10.03
N LEU B 96 -4.71 -11.40 -9.84
CA LEU B 96 -5.22 -10.78 -8.62
C LEU B 96 -4.91 -11.63 -7.35
N GLU B 97 -4.75 -12.95 -7.49
CA GLU B 97 -4.23 -13.76 -6.39
C GLU B 97 -2.67 -13.60 -6.26
N ASN B 98 -1.94 -13.64 -7.37
CA ASN B 98 -0.48 -13.62 -7.31
C ASN B 98 0.03 -12.24 -7.72
N LYS B 99 0.14 -11.34 -6.76
CA LYS B 99 0.18 -9.92 -7.14
C LYS B 99 1.47 -9.18 -6.86
N GLU B 100 2.42 -9.85 -6.21
CA GLU B 100 3.59 -9.14 -5.81
C GLU B 100 4.83 -9.71 -6.46
N ALA B 101 5.73 -8.83 -6.89
CA ALA B 101 7.11 -9.19 -7.29
C ALA B 101 8.14 -8.35 -6.55
N LEU B 102 9.35 -8.87 -6.45
CA LEU B 102 10.46 -8.09 -5.97
C LEU B 102 11.42 -7.82 -7.13
N TYR B 103 11.65 -6.55 -7.40
CA TYR B 103 12.69 -6.08 -8.32
C TYR B 103 13.95 -5.59 -7.57
N THR B 104 15.12 -6.11 -7.98
CA THR B 104 16.42 -5.64 -7.52
C THR B 104 17.21 -4.96 -8.68
N TYR B 105 17.66 -3.74 -8.38
CA TYR B 105 18.47 -2.96 -9.30
C TYR B 105 19.76 -2.51 -8.55
N ASP B 106 20.92 -2.74 -9.18
CA ASP B 106 22.25 -2.41 -8.65
C ASP B 106 22.60 -3.41 -7.56
N PHE B 107 23.37 -4.44 -7.95
CA PHE B 107 23.76 -5.51 -7.03
C PHE B 107 24.83 -5.04 -6.01
N GLY B 108 25.30 -3.81 -6.13
CA GLY B 108 26.16 -3.24 -5.11
C GLY B 108 25.31 -2.56 -4.05
N ASP B 109 24.60 -1.50 -4.43
CA ASP B 109 23.68 -0.80 -3.52
C ASP B 109 22.43 -1.62 -3.18
N ASN B 110 22.04 -2.57 -4.04
CA ASN B 110 20.96 -3.52 -3.71
C ASN B 110 19.62 -2.76 -3.54
N TRP B 111 19.32 -1.86 -4.47
CA TRP B 111 17.99 -1.23 -4.41
C TRP B 111 16.93 -2.27 -4.66
N GLN B 112 15.87 -2.25 -3.88
CA GLN B 112 14.76 -3.19 -4.01
C GLN B 112 13.43 -2.44 -4.14
N VAL B 113 12.68 -2.83 -5.15
CA VAL B 113 11.39 -2.27 -5.43
C VAL B 113 10.35 -3.38 -5.30
N LYS B 114 9.43 -3.22 -4.35
CA LYS B 114 8.24 -4.07 -4.27
C LYS B 114 7.27 -3.59 -5.35
N VAL B 115 6.82 -4.54 -6.16
CA VAL B 115 5.93 -4.27 -7.25
C VAL B 115 4.62 -4.96 -6.89
N ARG B 116 3.53 -4.19 -6.71
CA ARG B 116 2.23 -4.79 -6.33
C ARG B 116 1.15 -4.46 -7.37
N LEU B 117 0.50 -5.49 -7.92
CA LEU B 117 -0.69 -5.34 -8.77
C LEU B 117 -1.87 -4.93 -7.90
N GLU B 118 -2.48 -3.78 -8.13
CA GLU B 118 -3.65 -3.44 -7.32
C GLU B 118 -4.95 -3.66 -8.06
N LYS B 119 -4.97 -3.37 -9.34
CA LYS B 119 -6.20 -3.45 -10.14
C LYS B 119 -5.82 -3.90 -11.54
N ILE B 120 -6.72 -4.67 -12.15
CA ILE B 120 -6.65 -4.93 -13.57
C ILE B 120 -7.85 -4.27 -14.20
N LEU B 121 -7.60 -3.32 -15.09
CA LEU B 121 -8.69 -2.52 -15.61
C LEU B 121 -8.62 -2.39 -17.14
N PRO B 122 -9.78 -2.10 -17.78
CA PRO B 122 -9.81 -1.97 -19.25
C PRO B 122 -8.90 -0.86 -19.76
N ARG B 123 -8.18 -1.11 -20.85
CA ARG B 123 -7.39 -0.08 -21.51
C ARG B 123 -8.32 1.07 -21.94
N LYS B 124 -7.85 2.31 -21.75
CA LYS B 124 -8.64 3.46 -22.16
C LYS B 124 -8.20 3.89 -23.58
N GLU B 125 -9.17 4.22 -24.41
CA GLU B 125 -8.90 4.57 -25.78
C GLU B 125 -8.21 5.94 -25.90
N GLY B 126 -7.22 5.99 -26.79
CA GLY B 126 -6.46 7.20 -27.03
C GLY B 126 -5.34 7.49 -26.04
N VAL B 127 -5.25 6.69 -24.97
CA VAL B 127 -4.21 6.85 -23.93
C VAL B 127 -2.97 6.02 -24.27
N GLU B 128 -1.83 6.67 -24.10
CA GLU B 128 -0.53 6.12 -24.39
C GLU B 128 0.09 5.55 -23.10
N TYR B 129 0.23 4.25 -23.00
CA TYR B 129 0.75 3.64 -21.79
C TYR B 129 2.28 3.48 -21.98
N PRO B 130 3.06 3.35 -20.88
CA PRO B 130 2.64 3.45 -19.47
C PRO B 130 2.28 4.89 -19.10
N ILE B 131 1.51 5.04 -18.03
CA ILE B 131 1.25 6.33 -17.43
C ILE B 131 1.59 6.27 -15.96
N CYS B 132 2.03 7.39 -15.41
CA CYS B 132 2.32 7.45 -14.00
C CYS B 132 1.23 8.32 -13.42
N THR B 133 0.38 7.74 -12.58
CA THR B 133 -0.77 8.51 -12.05
C THR B 133 -0.48 9.25 -10.73
N ALA B 134 0.54 8.80 -9.99
CA ALA B 134 0.72 9.28 -8.63
C ALA B 134 2.11 8.93 -8.15
N GLY B 135 2.55 9.56 -7.06
CA GLY B 135 3.77 9.14 -6.40
C GLY B 135 4.14 10.08 -5.28
N LYS B 136 5.10 9.69 -4.46
CA LYS B 136 5.75 10.67 -3.64
C LYS B 136 7.14 10.40 -3.18
N ARG B 137 7.79 11.51 -2.86
CA ARG B 137 9.19 11.53 -2.49
C ARG B 137 10.07 11.41 -3.75
N ALA B 138 11.17 12.13 -3.77
CA ALA B 138 12.20 11.95 -4.77
C ALA B 138 12.76 10.49 -4.66
N ALA B 139 13.04 9.85 -5.80
CA ALA B 139 13.69 8.54 -5.84
C ALA B 139 15.13 8.65 -5.33
N VAL B 140 15.67 7.55 -4.81
CA VAL B 140 17.06 7.51 -4.45
C VAL B 140 17.94 7.77 -5.69
N PRO B 141 18.90 8.70 -5.58
CA PRO B 141 19.85 8.92 -6.68
C PRO B 141 20.68 7.68 -6.99
N GLU B 142 21.01 7.51 -8.26
CA GLU B 142 22.05 6.57 -8.62
C GLU B 142 23.28 6.64 -7.68
N ASP B 143 23.70 5.45 -7.22
CA ASP B 143 25.01 5.16 -6.63
C ASP B 143 25.14 5.73 -5.24
N SER B 144 24.00 6.15 -4.70
CA SER B 144 23.93 6.82 -3.40
C SER B 144 24.17 5.90 -2.21
N GLY B 145 24.55 4.65 -2.46
CA GLY B 145 24.96 3.73 -1.39
C GLY B 145 23.84 2.96 -0.69
N GLY B 146 22.77 2.61 -1.38
CA GLY B 146 21.75 1.72 -0.78
C GLY B 146 20.94 2.49 0.24
N VAL B 147 20.05 1.78 0.94
CA VAL B 147 19.14 2.45 1.90
C VAL B 147 19.91 3.23 3.02
N TRP B 148 20.88 2.56 3.63
CA TRP B 148 21.72 3.17 4.65
C TRP B 148 22.53 4.39 4.12
N GLY B 149 23.10 4.26 2.93
CA GLY B 149 23.79 5.36 2.27
C GLY B 149 22.93 6.58 2.01
N TYR B 150 21.76 6.39 1.44
CA TYR B 150 20.83 7.50 1.20
C TYR B 150 20.29 8.07 2.52
N GLU B 151 19.99 7.21 3.47
CA GLU B 151 19.49 7.64 4.78
C GLU B 151 20.53 8.47 5.54
N GLU B 152 21.80 8.02 5.50
CA GLU B 152 22.93 8.79 6.02
C GLU B 152 23.02 10.18 5.40
N MET B 153 23.11 10.27 4.07
CA MET B 153 23.10 11.56 3.39
C MET B 153 21.93 12.46 3.76
N LEU B 154 20.75 11.86 3.96
CA LEU B 154 19.53 12.62 4.19
C LEU B 154 19.59 13.25 5.54
N GLU B 155 20.20 12.54 6.48
CA GLU B 155 20.35 13.09 7.82
C GLU B 155 21.77 13.45 8.17
N VAL B 156 22.50 13.99 7.21
CA VAL B 156 23.51 14.96 7.60
C VAL B 156 22.90 16.31 7.23
N LEU B 157 22.02 16.28 6.23
CA LEU B 157 21.43 17.51 5.68
C LEU B 157 20.50 18.26 6.64
N LYS B 158 20.09 17.61 7.73
CA LYS B 158 19.20 18.20 8.75
C LYS B 158 19.77 19.44 9.47
N GLU B 161 24.16 22.05 10.04
CA GLU B 161 25.56 21.84 9.66
C GLU B 161 26.27 20.79 10.54
N HIS B 162 26.16 19.54 10.08
CA HIS B 162 27.02 18.41 10.46
C HIS B 162 28.47 18.75 10.04
N GLU B 163 29.43 17.86 10.29
CA GLU B 163 30.80 18.03 9.76
C GLU B 163 30.88 17.48 8.33
N GLU B 164 30.00 16.53 8.05
CA GLU B 164 29.88 15.96 6.72
C GLU B 164 28.89 16.74 5.87
N TYR B 165 28.31 17.80 6.45
CA TYR B 165 27.29 18.61 5.79
C TYR B 165 27.62 19.18 4.39
N GLU B 166 28.70 19.93 4.25
CA GLU B 166 29.08 20.54 2.97
C GLU B 166 29.23 19.55 1.82
N ASP B 167 29.63 18.33 2.19
CA ASP B 167 30.07 17.31 1.26
C ASP B 167 28.91 16.57 0.63
N THR B 168 28.00 16.16 1.49
CA THR B 168 26.68 15.66 1.16
C THR B 168 25.95 16.53 0.07
N VAL B 169 25.93 17.87 0.25
CA VAL B 169 25.32 18.84 -0.69
C VAL B 169 25.99 18.79 -2.08
N LEU B 170 27.32 18.70 -2.05
CA LEU B 170 28.16 18.55 -3.25
C LEU B 170 27.74 17.25 -3.91
N TRP B 171 27.57 16.23 -3.06
CA TRP B 171 27.26 14.85 -3.48
C TRP B 171 25.92 14.83 -4.25
N LEU B 172 24.86 15.39 -3.62
CA LEU B 172 23.46 15.39 -4.12
C LEU B 172 23.03 16.57 -5.01
N GLY B 173 23.79 17.66 -4.98
CA GLY B 173 23.41 18.90 -5.69
C GLY B 173 22.57 19.88 -4.87
N ASP B 174 22.41 21.11 -5.40
CA ASP B 174 21.74 22.19 -4.67
C ASP B 174 20.25 22.23 -4.94
N ASP B 175 19.89 21.80 -6.15
CA ASP B 175 18.49 21.68 -6.54
C ASP B 175 17.78 20.53 -5.78
N PHE B 176 18.52 19.72 -5.03
CA PHE B 176 17.96 18.50 -4.45
C PHE B 176 16.93 18.69 -3.32
N ASP B 177 15.79 18.03 -3.48
CA ASP B 177 14.69 18.07 -2.54
C ASP B 177 14.15 16.63 -2.44
N PRO B 178 14.41 15.94 -1.31
CA PRO B 178 14.01 14.56 -1.01
C PRO B 178 12.51 14.28 -1.07
N GLU B 179 11.70 15.35 -0.94
CA GLU B 179 10.23 15.27 -0.94
C GLU B 179 9.58 15.59 -2.28
N TYR B 180 10.39 16.04 -3.23
CA TYR B 180 9.85 16.52 -4.49
C TYR B 180 9.60 15.38 -5.47
N PHE B 181 8.34 15.22 -5.86
CA PHE B 181 8.00 14.36 -7.01
C PHE B 181 6.81 14.91 -7.78
N ASP B 182 6.88 14.92 -9.10
CA ASP B 182 5.72 15.21 -9.92
C ASP B 182 5.51 14.11 -10.97
N PRO B 183 4.35 13.40 -10.94
CA PRO B 183 4.13 12.33 -11.91
C PRO B 183 4.37 12.74 -13.40
N LYS B 184 4.16 14.01 -13.70
CA LYS B 184 4.27 14.51 -15.05
C LYS B 184 5.71 14.73 -15.51
N ASP B 185 6.66 14.63 -14.57
CA ASP B 185 8.10 14.66 -14.85
C ASP B 185 8.58 13.31 -15.41
N VAL B 186 7.84 12.24 -15.13
CA VAL B 186 8.17 10.94 -15.67
C VAL B 186 7.97 10.84 -17.18
N SER B 187 9.03 10.44 -17.85
CA SER B 187 8.98 10.26 -19.26
C SER B 187 9.34 8.81 -19.54
N PHE B 188 8.40 8.05 -20.05
CA PHE B 188 8.68 6.69 -20.41
C PHE B 188 9.35 6.62 -21.77
#